data_3M05
#
_entry.id   3M05
#
_cell.length_a   119.774
_cell.length_b   119.774
_cell.length_c   119.349
_cell.angle_alpha   90.00
_cell.angle_beta   90.00
_cell.angle_gamma   90.00
#
_symmetry.space_group_name_H-M   'P 43 21 2'
#
loop_
_entity.id
_entity.type
_entity.pdbx_description
1 polymer 'uncharacterized protein PEPE_1480'
2 non-polymer 'SULFATE ION'
3 water water
#
_entity_poly.entity_id   1
_entity_poly.type   'polypeptide(L)'
_entity_poly.pdbx_seq_one_letter_code
;SNA(MSE)ATKLVIAIVQDKDANYLSDQFIDQNVRATKLSTTGGFLQSGNTTF(MSE)IGIEEERVPEVLEIIKKASHTR
EEF(MSE)TPSVN(MSE)DVN(MSE)EGTTAYPIKVQVGGATVLVLPVDQFERF
;
_entity_poly.pdbx_strand_id   A,B,C
#
loop_
_chem_comp.id
_chem_comp.type
_chem_comp.name
_chem_comp.formula
SO4 non-polymer 'SULFATE ION' 'O4 S -2'
#
# COMPACT_ATOMS: atom_id res chain seq x y z
N ALA A 3 -23.91 -6.91 -8.08
CA ALA A 3 -24.14 -7.30 -6.70
C ALA A 3 -22.86 -7.78 -6.03
N MSE A 4 -21.73 -7.37 -6.60
CA MSE A 4 -20.41 -7.80 -6.14
C MSE A 4 -19.79 -6.81 -5.13
O MSE A 4 -18.66 -6.35 -5.31
CB MSE A 4 -19.47 -8.00 -7.35
CG MSE A 4 -19.91 -7.27 -8.63
SE MSE A 4 -20.31 -8.47 -10.15
CE MSE A 4 -20.89 -7.15 -11.49
N ALA A 5 -20.53 -6.53 -4.06
CA ALA A 5 -20.12 -5.55 -3.05
C ALA A 5 -18.73 -5.89 -2.50
N THR A 6 -17.73 -5.12 -2.88
CA THR A 6 -16.35 -5.42 -2.50
C THR A 6 -15.79 -4.37 -1.57
N LYS A 7 -14.97 -4.82 -0.63
CA LYS A 7 -14.28 -3.95 0.30
C LYS A 7 -12.78 -4.31 0.30
N LEU A 8 -11.94 -3.35 0.71
CA LEU A 8 -10.51 -3.59 0.90
C LEU A 8 -10.12 -3.48 2.36
N VAL A 9 -9.53 -4.53 2.91
CA VAL A 9 -9.03 -4.43 4.27
C VAL A 9 -7.51 -4.34 4.32
N ILE A 10 -7.03 -3.42 5.12
CA ILE A 10 -5.61 -3.22 5.29
C ILE A 10 -5.30 -3.56 6.73
N ALA A 11 -4.45 -4.56 6.93
CA ALA A 11 -4.11 -5.00 8.28
C ALA A 11 -2.64 -4.82 8.52
N ILE A 12 -2.28 -4.06 9.54
CA ILE A 12 -0.88 -3.92 9.90
C ILE A 12 -0.61 -4.74 11.13
N VAL A 13 0.53 -5.42 11.13
CA VAL A 13 0.68 -6.61 11.96
C VAL A 13 2.14 -6.86 12.20
N GLN A 14 2.48 -7.58 13.27
CA GLN A 14 3.90 -7.73 13.60
C GLN A 14 4.59 -8.85 12.85
N ASP A 15 5.84 -8.62 12.43
CA ASP A 15 6.56 -9.63 11.68
C ASP A 15 6.37 -11.03 12.29
N LYS A 16 6.37 -11.12 13.61
CA LYS A 16 6.24 -12.40 14.33
C LYS A 16 5.01 -13.17 13.87
N ASP A 17 3.89 -12.47 13.80
CA ASP A 17 2.60 -13.12 13.50
C ASP A 17 2.31 -13.22 12.02
N ALA A 18 3.05 -12.47 11.22
CA ALA A 18 2.79 -12.40 9.79
C ALA A 18 2.84 -13.76 9.08
N ASN A 19 3.72 -14.65 9.51
CA ASN A 19 3.77 -15.94 8.84
C ASN A 19 2.51 -16.75 9.03
N TYR A 20 2.21 -17.11 10.27
CA TYR A 20 0.98 -17.84 10.59
C TYR A 20 -0.26 -17.21 9.98
N LEU A 21 -0.37 -15.89 10.05
CA LEU A 21 -1.51 -15.22 9.46
C LEU A 21 -1.62 -15.49 7.96
N SER A 22 -0.55 -15.23 7.22
CA SER A 22 -0.59 -15.38 5.78
C SER A 22 -0.94 -16.80 5.38
N ASP A 23 -0.48 -17.77 6.17
CA ASP A 23 -0.82 -19.17 5.93
C ASP A 23 -2.30 -19.42 6.24
N GLN A 24 -2.80 -18.71 7.25
CA GLN A 24 -4.19 -18.80 7.62
C GLN A 24 -5.02 -18.37 6.44
N PHE A 25 -4.82 -17.12 6.01
CA PHE A 25 -5.48 -16.56 4.84
C PHE A 25 -5.59 -17.52 3.66
N ILE A 26 -4.52 -18.25 3.41
CA ILE A 26 -4.49 -19.16 2.30
C ILE A 26 -5.43 -20.32 2.57
N ASP A 27 -5.21 -21.03 3.66
CA ASP A 27 -6.07 -22.16 4.01
C ASP A 27 -7.50 -21.71 4.25
N GLN A 28 -7.69 -20.41 4.34
CA GLN A 28 -9.03 -19.89 4.59
C GLN A 28 -9.57 -19.29 3.32
N ASN A 29 -8.80 -19.41 2.25
CA ASN A 29 -9.29 -18.99 0.97
C ASN A 29 -9.48 -17.46 0.99
N VAL A 30 -8.42 -16.75 1.32
CA VAL A 30 -8.45 -15.30 1.30
C VAL A 30 -7.28 -14.76 0.48
N ARG A 31 -7.57 -14.13 -0.65
CA ARG A 31 -6.50 -13.60 -1.47
C ARG A 31 -5.97 -12.35 -0.76
N ALA A 32 -4.87 -12.50 -0.04
CA ALA A 32 -4.18 -11.37 0.57
C ALA A 32 -2.86 -11.12 -0.15
N THR A 33 -2.46 -9.86 -0.21
CA THR A 33 -1.13 -9.53 -0.72
C THR A 33 -0.36 -8.78 0.37
N LYS A 34 0.89 -9.14 0.53
CA LYS A 34 1.63 -8.76 1.72
C LYS A 34 2.78 -7.83 1.40
N LEU A 35 2.82 -6.69 2.07
CA LEU A 35 3.92 -5.74 1.94
C LEU A 35 4.70 -5.79 3.23
N SER A 36 5.96 -5.37 3.16
CA SER A 36 6.69 -5.16 4.39
C SER A 36 6.96 -3.68 4.56
N THR A 37 6.75 -3.23 5.79
CA THR A 37 6.72 -1.82 6.09
C THR A 37 7.54 -1.55 7.34
N THR A 38 7.58 -0.31 7.78
CA THR A 38 8.06 -0.05 9.13
C THR A 38 6.99 0.69 9.89
N GLY A 39 7.14 0.75 11.21
CA GLY A 39 6.21 1.47 12.04
C GLY A 39 6.57 1.44 13.50
N GLY A 40 5.81 2.20 14.27
CA GLY A 40 6.01 2.20 15.69
C GLY A 40 7.01 3.28 16.08
N PHE A 41 7.15 3.46 17.38
CA PHE A 41 8.01 4.48 17.94
C PHE A 41 9.44 4.25 17.45
N LEU A 42 9.82 2.98 17.38
CA LEU A 42 11.19 2.62 17.03
C LEU A 42 11.35 2.45 15.53
N GLN A 43 10.24 2.59 14.83
CA GLN A 43 10.25 2.50 13.37
C GLN A 43 10.85 1.18 12.94
N SER A 44 10.41 0.13 13.63
CA SER A 44 10.89 -1.21 13.38
C SER A 44 10.15 -1.78 12.20
N GLY A 45 10.44 -3.02 11.88
CA GLY A 45 9.81 -3.67 10.75
C GLY A 45 8.55 -4.35 11.16
N ASN A 46 7.55 -4.26 10.30
CA ASN A 46 6.32 -5.02 10.48
C ASN A 46 5.80 -5.37 9.11
N THR A 47 4.65 -6.02 9.03
CA THR A 47 4.05 -6.23 7.72
C THR A 47 2.63 -5.69 7.62
N THR A 48 2.24 -5.38 6.40
CA THR A 48 0.95 -4.84 6.08
C THR A 48 0.36 -5.79 5.07
N PHE A 49 -0.93 -6.08 5.24
CA PHE A 49 -1.65 -6.91 4.31
C PHE A 49 -2.69 -6.07 3.59
N MSE A 50 -2.92 -6.37 2.32
CA MSE A 50 -4.01 -5.74 1.59
C MSE A 50 -4.90 -6.81 1.01
O MSE A 50 -4.44 -7.75 0.36
CB MSE A 50 -3.49 -4.85 0.49
CG MSE A 50 -2.69 -3.69 1.03
SE MSE A 50 -2.25 -2.43 -0.35
CE MSE A 50 -0.95 -1.38 0.64
N ILE A 51 -6.20 -6.67 1.24
CA ILE A 51 -7.09 -7.77 0.99
C ILE A 51 -8.36 -7.34 0.27
N GLY A 52 -8.42 -7.63 -1.02
CA GLY A 52 -9.66 -7.49 -1.77
C GLY A 52 -10.57 -8.62 -1.36
N ILE A 53 -11.74 -8.29 -0.84
CA ILE A 53 -12.68 -9.30 -0.36
C ILE A 53 -14.12 -8.82 -0.50
N GLU A 54 -15.07 -9.75 -0.61
CA GLU A 54 -16.48 -9.38 -0.71
C GLU A 54 -17.01 -8.95 0.65
N GLU A 55 -17.80 -7.88 0.65
CA GLU A 55 -18.32 -7.28 1.88
C GLU A 55 -18.81 -8.30 2.89
N GLU A 56 -19.60 -9.26 2.42
CA GLU A 56 -20.20 -10.24 3.32
C GLU A 56 -19.16 -10.99 4.15
N ARG A 57 -17.94 -11.10 3.62
CA ARG A 57 -16.90 -11.89 4.27
C ARG A 57 -15.96 -11.14 5.23
N VAL A 58 -16.08 -9.82 5.27
CA VAL A 58 -15.17 -9.03 6.10
C VAL A 58 -14.98 -9.53 7.55
N PRO A 59 -16.09 -9.65 8.29
CA PRO A 59 -15.93 -10.00 9.71
C PRO A 59 -15.24 -11.35 9.85
N GLU A 60 -15.46 -12.25 8.89
CA GLU A 60 -14.73 -13.50 8.84
C GLU A 60 -13.25 -13.18 8.86
N VAL A 61 -12.83 -12.38 7.88
CA VAL A 61 -11.45 -11.92 7.81
C VAL A 61 -10.96 -11.27 9.09
N LEU A 62 -11.73 -10.33 9.64
CA LEU A 62 -11.28 -9.64 10.85
C LEU A 62 -11.04 -10.60 12.00
N GLU A 63 -11.92 -11.60 12.13
CA GLU A 63 -11.75 -12.56 13.20
C GLU A 63 -10.52 -13.42 12.93
N ILE A 64 -10.27 -13.73 11.67
CA ILE A 64 -9.06 -14.48 11.32
C ILE A 64 -7.83 -13.77 11.86
N ILE A 65 -7.82 -12.45 11.69
CA ILE A 65 -6.72 -11.61 12.12
C ILE A 65 -6.63 -11.52 13.63
N LYS A 66 -7.76 -11.22 14.27
CA LYS A 66 -7.77 -11.06 15.72
C LYS A 66 -7.12 -12.25 16.38
N LYS A 67 -7.53 -13.45 15.98
CA LYS A 67 -7.00 -14.67 16.55
C LYS A 67 -5.51 -14.81 16.29
N ALA A 68 -5.11 -14.46 15.07
CA ALA A 68 -3.73 -14.63 14.63
C ALA A 68 -2.77 -13.67 15.29
N SER A 69 -3.24 -12.48 15.61
CA SER A 69 -2.35 -11.37 15.90
C SER A 69 -2.77 -10.45 17.03
N HIS A 70 -3.77 -10.86 17.81
CA HIS A 70 -4.19 -10.02 18.91
C HIS A 70 -2.98 -9.76 19.81
N THR A 71 -3.06 -8.69 20.60
CA THR A 71 -2.08 -8.37 21.62
C THR A 71 -2.15 -9.37 22.77
N ARG A 72 -1.01 -9.92 23.12
CA ARG A 72 -0.96 -10.83 24.23
C ARG A 72 0.35 -10.56 24.93
N GLU A 73 0.54 -11.15 26.11
CA GLU A 73 1.88 -11.18 26.66
C GLU A 73 2.37 -12.61 26.80
N GLU A 74 3.68 -12.78 26.70
CA GLU A 74 4.26 -14.10 26.79
C GLU A 74 5.48 -14.09 27.70
N PHE A 75 5.97 -15.28 28.03
CA PHE A 75 7.13 -15.38 28.88
C PHE A 75 8.41 -15.38 28.06
N MSE A 76 9.36 -14.54 28.46
CA MSE A 76 10.62 -14.44 27.75
C MSE A 76 11.80 -14.16 28.66
O MSE A 76 11.72 -13.36 29.60
CB MSE A 76 10.53 -13.35 26.69
CG MSE A 76 9.39 -13.54 25.75
SE MSE A 76 9.72 -12.68 24.06
CE MSE A 76 8.04 -13.16 23.19
N THR A 77 12.90 -14.84 28.37
CA THR A 77 14.16 -14.59 29.04
C THR A 77 15.10 -13.90 28.04
N PRO A 78 15.84 -12.87 28.52
CA PRO A 78 16.83 -12.09 27.77
C PRO A 78 17.75 -12.95 26.89
N TYR A 92 15.67 -15.88 34.95
CA TYR A 92 14.34 -15.53 35.46
C TYR A 92 13.44 -14.96 34.35
N PRO A 93 12.70 -15.85 33.64
CA PRO A 93 11.75 -15.42 32.61
C PRO A 93 10.83 -14.29 33.08
N ILE A 94 10.41 -13.46 32.12
CA ILE A 94 9.52 -12.35 32.41
C ILE A 94 8.35 -12.31 31.41
N LYS A 95 7.16 -11.96 31.90
CA LYS A 95 6.00 -11.77 31.06
C LYS A 95 6.20 -10.47 30.30
N VAL A 96 6.15 -10.56 28.98
CA VAL A 96 6.30 -9.37 28.13
C VAL A 96 5.25 -9.33 27.01
N GLN A 97 4.84 -8.11 26.63
CA GLN A 97 3.74 -7.92 25.69
C GLN A 97 4.21 -7.99 24.24
N VAL A 98 3.40 -8.66 23.43
CA VAL A 98 3.72 -8.97 22.04
C VAL A 98 2.46 -8.94 21.21
N GLY A 99 2.62 -8.83 19.90
CA GLY A 99 1.49 -8.84 19.01
C GLY A 99 0.81 -7.49 18.88
N GLY A 100 -0.45 -7.52 18.49
CA GLY A 100 -1.17 -6.29 18.20
C GLY A 100 -1.39 -6.18 16.70
N ALA A 101 -2.57 -5.71 16.34
CA ALA A 101 -2.93 -5.55 14.94
C ALA A 101 -3.77 -4.30 14.84
N THR A 102 -3.52 -3.49 13.83
CA THR A 102 -4.43 -2.41 13.55
C THR A 102 -4.96 -2.66 12.14
N VAL A 103 -6.27 -2.56 11.97
CA VAL A 103 -6.84 -2.87 10.67
C VAL A 103 -7.92 -1.90 10.31
N LEU A 104 -8.02 -1.63 9.01
CA LEU A 104 -9.03 -0.70 8.53
C LEU A 104 -9.62 -1.26 7.25
N VAL A 105 -10.95 -1.16 7.13
CA VAL A 105 -11.62 -1.66 5.96
C VAL A 105 -12.20 -0.50 5.20
N LEU A 106 -11.76 -0.41 3.95
CA LEU A 106 -12.15 0.67 3.04
C LEU A 106 -13.19 0.15 2.06
N PRO A 107 -14.05 1.05 1.57
CA PRO A 107 -15.00 0.78 0.49
C PRO A 107 -14.29 0.60 -0.84
N VAL A 108 -14.90 -0.12 -1.76
CA VAL A 108 -14.35 -0.27 -3.09
C VAL A 108 -15.37 0.02 -4.18
N ASP A 109 -15.09 1.03 -5.00
CA ASP A 109 -15.99 1.44 -6.07
C ASP A 109 -16.13 0.35 -7.13
N GLN A 110 -15.02 -0.28 -7.48
CA GLN A 110 -15.03 -1.24 -8.57
C GLN A 110 -13.89 -2.25 -8.43
N PHE A 111 -14.13 -3.48 -8.86
CA PHE A 111 -13.15 -4.56 -8.70
C PHE A 111 -13.14 -5.49 -9.91
N GLU A 112 -11.96 -5.66 -10.51
CA GLU A 112 -11.78 -6.48 -11.69
C GLU A 112 -10.65 -7.49 -11.54
N ARG A 113 -10.81 -8.67 -12.13
CA ARG A 113 -9.67 -9.53 -12.42
C ARG A 113 -9.53 -9.72 -13.93
N PHE A 114 -8.29 -9.57 -14.40
CA PHE A 114 -7.92 -9.72 -15.80
C PHE A 114 -7.09 -10.99 -16.10
N ALA B 3 -17.07 5.17 18.09
CA ALA B 3 -17.91 6.12 17.37
C ALA B 3 -17.13 7.37 16.94
N MSE B 4 -16.11 7.16 16.10
CA MSE B 4 -15.21 8.22 15.66
C MSE B 4 -14.78 8.01 14.20
O MSE B 4 -14.03 7.09 13.89
CB MSE B 4 -13.97 8.27 16.57
CG MSE B 4 -13.27 6.92 16.78
SE MSE B 4 -14.16 5.67 18.01
CE MSE B 4 -13.80 3.99 17.08
N ALA B 5 -15.28 8.87 13.31
CA ALA B 5 -15.03 8.69 11.88
C ALA B 5 -13.55 8.79 11.55
N THR B 6 -12.96 7.72 11.04
CA THR B 6 -11.56 7.79 10.66
C THR B 6 -11.38 7.77 9.16
N LYS B 7 -10.26 8.34 8.72
CA LYS B 7 -9.88 8.36 7.32
C LYS B 7 -8.49 7.75 7.22
N LEU B 8 -8.06 7.46 5.99
CA LEU B 8 -6.72 6.99 5.70
C LEU B 8 -6.01 7.92 4.73
N VAL B 9 -4.90 8.49 5.14
CA VAL B 9 -4.13 9.30 4.21
C VAL B 9 -2.94 8.51 3.70
N ILE B 10 -2.75 8.58 2.40
CA ILE B 10 -1.62 7.97 1.73
C ILE B 10 -0.75 9.10 1.24
N ALA B 11 0.52 9.13 1.63
CA ALA B 11 1.37 10.25 1.24
C ALA B 11 2.64 9.77 0.55
N ILE B 12 2.84 10.21 -0.69
CA ILE B 12 4.03 9.81 -1.42
C ILE B 12 5.04 10.93 -1.45
N VAL B 13 6.28 10.58 -1.17
CA VAL B 13 7.23 11.55 -0.67
C VAL B 13 8.65 11.16 -1.06
N GLN B 14 9.54 12.15 -1.08
CA GLN B 14 10.92 11.93 -1.52
C GLN B 14 11.72 11.22 -0.46
N ASP B 15 12.46 10.18 -0.84
CA ASP B 15 13.30 9.50 0.15
C ASP B 15 14.03 10.52 1.02
N LYS B 16 14.53 11.59 0.40
CA LYS B 16 15.28 12.61 1.15
C LYS B 16 14.52 13.17 2.34
N ASP B 17 13.23 13.45 2.17
CA ASP B 17 12.43 14.02 3.25
C ASP B 17 11.71 13.01 4.14
N ALA B 18 11.80 11.73 3.80
CA ALA B 18 11.05 10.73 4.53
C ALA B 18 11.57 10.59 5.94
N ASN B 19 12.86 10.82 6.12
CA ASN B 19 13.41 10.66 7.45
C ASN B 19 12.80 11.65 8.41
N TYR B 20 13.00 12.94 8.14
CA TYR B 20 12.43 14.01 8.94
C TYR B 20 10.94 13.83 9.19
N LEU B 21 10.19 13.62 8.13
CA LEU B 21 8.76 13.49 8.24
C LEU B 21 8.40 12.41 9.26
N SER B 22 8.84 11.19 8.99
CA SER B 22 8.50 10.05 9.84
C SER B 22 8.72 10.36 11.31
N ASP B 23 9.84 11.04 11.63
CA ASP B 23 10.15 11.49 12.99
C ASP B 23 9.13 12.49 13.51
N GLN B 24 8.78 13.42 12.64
CA GLN B 24 7.72 14.36 12.93
C GLN B 24 6.42 13.68 13.31
N PHE B 25 6.00 12.69 12.53
CA PHE B 25 4.78 11.97 12.81
C PHE B 25 4.77 11.42 14.22
N ILE B 26 5.93 10.96 14.64
CA ILE B 26 6.05 10.32 15.93
C ILE B 26 5.99 11.38 17.03
N ASP B 27 6.85 12.39 16.94
CA ASP B 27 6.85 13.45 17.94
C ASP B 27 5.52 14.18 17.97
N GLN B 28 4.65 13.85 17.04
CA GLN B 28 3.36 14.52 16.97
C GLN B 28 2.24 13.51 17.03
N ASN B 29 2.60 12.30 17.44
CA ASN B 29 1.57 11.37 17.86
C ASN B 29 0.71 10.92 16.68
N VAL B 30 1.35 10.73 15.53
CA VAL B 30 0.67 10.26 14.34
C VAL B 30 1.18 8.87 13.97
N ARG B 31 0.31 7.87 14.09
CA ARG B 31 0.71 6.52 13.76
C ARG B 31 0.70 6.31 12.26
N ALA B 32 1.86 6.49 11.64
CA ALA B 32 2.04 6.27 10.22
C ALA B 32 2.79 4.98 10.02
N THR B 33 2.54 4.30 8.91
CA THR B 33 3.38 3.17 8.52
C THR B 33 4.02 3.42 7.17
N LYS B 34 5.29 3.07 7.04
CA LYS B 34 6.08 3.56 5.93
C LYS B 34 6.48 2.43 5.01
N LEU B 35 6.29 2.65 3.71
CA LEU B 35 6.66 1.68 2.68
C LEU B 35 7.78 2.24 1.84
N SER B 36 8.51 1.35 1.17
CA SER B 36 9.53 1.75 0.24
C SER B 36 9.03 1.53 -1.17
N THR B 37 8.90 2.60 -1.94
CA THR B 37 8.37 2.48 -3.30
C THR B 37 9.27 3.04 -4.40
N THR B 38 8.81 2.94 -5.64
CA THR B 38 9.43 3.67 -6.74
C THR B 38 8.37 4.47 -7.48
N GLY B 39 8.80 5.55 -8.14
CA GLY B 39 7.92 6.37 -8.93
C GLY B 39 8.65 7.45 -9.73
N GLY B 40 7.86 8.18 -10.51
CA GLY B 40 8.42 9.28 -11.26
C GLY B 40 8.91 8.80 -12.62
N PHE B 41 9.22 9.76 -13.47
CA PHE B 41 9.63 9.48 -14.83
C PHE B 41 10.78 8.48 -14.84
N LEU B 42 11.70 8.66 -13.90
CA LEU B 42 12.91 7.83 -13.84
C LEU B 42 12.66 6.53 -13.09
N GLN B 43 11.51 6.46 -12.41
CA GLN B 43 11.09 5.25 -11.73
C GLN B 43 12.10 4.93 -10.64
N SER B 44 12.49 5.99 -9.96
CA SER B 44 13.51 5.88 -8.93
C SER B 44 12.82 5.69 -7.61
N GLY B 45 13.58 5.74 -6.53
CA GLY B 45 13.02 5.40 -5.24
C GLY B 45 12.46 6.57 -4.51
N ASN B 46 11.26 6.37 -3.99
CA ASN B 46 10.71 7.29 -3.02
C ASN B 46 10.18 6.46 -1.86
N THR B 47 9.33 7.07 -1.06
CA THR B 47 8.69 6.35 0.02
C THR B 47 7.25 6.78 0.12
N THR B 48 6.40 5.82 0.45
CA THR B 48 4.99 6.04 0.68
C THR B 48 4.69 5.87 2.15
N PHE B 49 3.75 6.66 2.64
CA PHE B 49 3.28 6.55 4.00
C PHE B 49 1.80 6.15 4.02
N MSE B 50 1.37 5.46 5.08
CA MSE B 50 -0.04 5.14 5.26
C MSE B 50 -0.49 5.43 6.66
O MSE B 50 0.07 4.94 7.63
CB MSE B 50 -0.30 3.69 4.96
CG MSE B 50 -0.60 3.48 3.53
SE MSE B 50 -0.50 1.61 3.13
CE MSE B 50 -1.88 1.63 1.76
N ILE B 51 -1.54 6.23 6.76
CA ILE B 51 -1.87 6.77 8.04
C ILE B 51 -3.34 6.58 8.36
N GLY B 52 -3.61 5.78 9.38
CA GLY B 52 -4.95 5.65 9.89
C GLY B 52 -5.13 6.67 10.97
N ILE B 53 -6.00 7.65 10.72
CA ILE B 53 -6.24 8.73 11.67
C ILE B 53 -7.69 9.24 11.67
N GLU B 54 -8.11 9.83 12.78
CA GLU B 54 -9.47 10.36 12.94
C GLU B 54 -9.73 11.56 12.04
N GLU B 55 -10.93 11.60 11.46
CA GLU B 55 -11.29 12.61 10.48
C GLU B 55 -10.93 14.03 10.90
N GLU B 56 -11.22 14.34 12.16
CA GLU B 56 -11.06 15.69 12.69
C GLU B 56 -9.59 16.13 12.64
N ARG B 57 -8.70 15.17 12.45
CA ARG B 57 -7.28 15.42 12.56
C ARG B 57 -6.53 15.45 11.22
N VAL B 58 -7.21 15.10 10.15
CA VAL B 58 -6.60 15.08 8.82
C VAL B 58 -5.85 16.37 8.42
N PRO B 59 -6.55 17.52 8.50
CA PRO B 59 -5.90 18.78 8.12
C PRO B 59 -4.59 18.96 8.85
N GLU B 60 -4.56 18.62 10.14
CA GLU B 60 -3.34 18.68 10.92
C GLU B 60 -2.24 17.90 10.20
N VAL B 61 -2.52 16.63 9.97
CA VAL B 61 -1.61 15.76 9.27
C VAL B 61 -1.11 16.30 7.94
N LEU B 62 -2.00 16.93 7.18
CA LEU B 62 -1.60 17.46 5.87
C LEU B 62 -0.58 18.58 6.04
N GLU B 63 -0.81 19.43 7.04
CA GLU B 63 0.10 20.52 7.28
C GLU B 63 1.46 19.99 7.71
N ILE B 64 1.44 18.88 8.42
CA ILE B 64 2.69 18.27 8.87
C ILE B 64 3.50 17.87 7.67
N ILE B 65 2.80 17.36 6.66
CA ILE B 65 3.42 16.88 5.44
C ILE B 65 3.92 18.04 4.59
N LYS B 66 3.03 18.96 4.27
CA LYS B 66 3.38 20.13 3.47
C LYS B 66 4.68 20.76 3.97
N LYS B 67 4.74 21.07 5.26
CA LYS B 67 5.93 21.67 5.86
C LYS B 67 7.17 20.79 5.68
N ALA B 68 6.98 19.49 5.87
CA ALA B 68 8.09 18.55 5.87
C ALA B 68 8.59 18.19 4.48
N SER B 69 7.81 18.48 3.44
CA SER B 69 8.09 17.87 2.16
C SER B 69 7.60 18.64 0.94
N HIS B 70 7.16 19.87 1.14
CA HIS B 70 6.77 20.69 0.02
C HIS B 70 7.92 20.78 -1.00
N THR B 71 7.56 21.13 -2.23
CA THR B 71 8.53 21.36 -3.30
C THR B 71 9.29 22.66 -3.06
N ARG B 72 10.61 22.60 -3.22
CA ARG B 72 11.39 23.81 -3.10
C ARG B 72 12.59 23.77 -4.01
N GLU B 73 13.34 24.87 -4.01
CA GLU B 73 14.63 24.91 -4.64
C GLU B 73 15.74 24.97 -3.59
N GLU B 74 16.85 24.32 -3.90
CA GLU B 74 18.00 24.37 -3.04
C GLU B 74 19.28 24.57 -3.83
N PHE B 75 20.32 25.05 -3.17
CA PHE B 75 21.61 25.23 -3.81
C PHE B 75 22.42 23.97 -3.74
N MSE B 76 22.96 23.57 -4.88
CA MSE B 76 23.71 22.32 -4.97
C MSE B 76 24.87 22.39 -5.94
O MSE B 76 24.71 22.76 -7.11
CB MSE B 76 22.77 21.20 -5.40
CG MSE B 76 21.56 21.07 -4.54
SE MSE B 76 21.04 19.23 -4.36
CE MSE B 76 19.66 19.47 -3.01
N THR B 77 26.05 22.01 -5.46
CA THR B 77 27.21 21.83 -6.32
C THR B 77 27.22 20.39 -6.85
N PRO B 78 27.51 20.25 -8.16
CA PRO B 78 27.51 18.97 -8.88
C PRO B 78 28.84 18.22 -8.75
N SER B 79 28.82 17.07 -8.08
CA SER B 79 30.05 16.28 -7.87
C SER B 79 30.97 16.23 -9.10
N TYR B 92 29.45 27.76 -9.99
CA TYR B 92 30.00 26.61 -9.27
C TYR B 92 28.92 25.83 -8.48
N PRO B 93 28.08 26.53 -7.68
CA PRO B 93 26.85 25.89 -7.20
C PRO B 93 25.65 26.39 -8.00
N ILE B 94 24.57 25.61 -8.02
CA ILE B 94 23.35 26.03 -8.71
C ILE B 94 22.09 25.69 -7.92
N LYS B 95 20.99 26.35 -8.28
CA LYS B 95 19.70 26.22 -7.58
C LYS B 95 18.85 25.17 -8.27
N VAL B 96 18.58 24.08 -7.56
CA VAL B 96 17.74 22.99 -8.10
C VAL B 96 16.49 22.68 -7.27
N GLN B 97 15.51 22.09 -7.93
CA GLN B 97 14.22 21.79 -7.31
C GLN B 97 14.22 20.42 -6.68
N VAL B 98 13.56 20.33 -5.52
CA VAL B 98 13.62 19.15 -4.68
C VAL B 98 12.33 19.00 -3.92
N GLY B 99 12.11 17.80 -3.40
CA GLY B 99 10.94 17.55 -2.59
C GLY B 99 9.69 17.46 -3.43
N GLY B 100 8.57 17.84 -2.86
CA GLY B 100 7.30 17.65 -3.50
C GLY B 100 6.66 16.43 -2.89
N ALA B 101 5.36 16.51 -2.64
CA ALA B 101 4.62 15.43 -2.00
C ALA B 101 3.26 15.34 -2.64
N THR B 102 2.84 14.15 -3.02
CA THR B 102 1.44 14.01 -3.42
C THR B 102 0.74 13.25 -2.30
N VAL B 103 -0.54 13.57 -2.08
CA VAL B 103 -1.28 12.90 -1.01
C VAL B 103 -2.77 12.75 -1.24
N LEU B 104 -3.27 11.56 -0.95
CA LEU B 104 -4.69 11.32 -1.05
C LEU B 104 -5.19 10.96 0.30
N VAL B 105 -6.41 11.39 0.58
CA VAL B 105 -7.08 10.98 1.79
C VAL B 105 -8.38 10.29 1.43
N LEU B 106 -8.50 9.03 1.85
CA LEU B 106 -9.71 8.28 1.56
C LEU B 106 -10.46 7.84 2.80
N PRO B 107 -11.78 7.64 2.65
CA PRO B 107 -12.69 7.29 3.73
C PRO B 107 -12.41 5.88 4.21
N VAL B 108 -12.65 5.60 5.48
CA VAL B 108 -12.63 4.22 5.92
C VAL B 108 -13.91 3.82 6.65
N ASP B 109 -14.55 2.76 6.13
CA ASP B 109 -15.78 2.23 6.68
C ASP B 109 -15.66 1.79 8.14
N GLN B 110 -14.59 1.08 8.46
CA GLN B 110 -14.41 0.58 9.81
C GLN B 110 -12.93 0.49 10.18
N PHE B 111 -12.63 0.73 11.46
CA PHE B 111 -11.26 0.69 11.95
C PHE B 111 -11.16 0.04 13.32
N GLU B 112 -10.35 -1.02 13.41
CA GLU B 112 -10.16 -1.79 14.62
C GLU B 112 -8.70 -1.85 15.06
N ARG B 113 -8.47 -1.81 16.37
CA ARG B 113 -7.22 -2.30 16.93
C ARG B 113 -7.43 -3.57 17.74
N PHE B 114 -6.50 -4.51 17.56
CA PHE B 114 -6.52 -5.84 18.19
C PHE B 114 -5.30 -6.08 19.08
N MSE C 4 -12.66 18.59 -9.44
CA MSE C 4 -11.91 17.46 -8.89
C MSE C 4 -12.84 16.26 -8.67
O MSE C 4 -13.92 16.40 -8.08
CB MSE C 4 -11.21 17.86 -7.57
CG MSE C 4 -10.05 16.95 -7.13
SE MSE C 4 -10.25 16.06 -5.37
CE MSE C 4 -9.55 17.44 -4.12
N ALA C 5 -12.43 15.09 -9.15
CA ALA C 5 -13.10 13.85 -8.79
C ALA C 5 -12.06 12.74 -8.86
N THR C 6 -11.29 12.57 -7.78
CA THR C 6 -10.18 11.63 -7.82
C THR C 6 -10.55 10.25 -7.29
N LYS C 7 -10.02 9.25 -7.97
CA LYS C 7 -10.16 7.86 -7.54
C LYS C 7 -8.75 7.27 -7.42
N LEU C 8 -8.60 6.23 -6.59
CA LEU C 8 -7.35 5.51 -6.46
C LEU C 8 -7.45 4.08 -6.95
N VAL C 9 -6.64 3.71 -7.93
CA VAL C 9 -6.61 2.31 -8.30
C VAL C 9 -5.38 1.56 -7.76
N ILE C 10 -5.66 0.47 -7.08
CA ILE C 10 -4.63 -0.46 -6.67
C ILE C 10 -4.66 -1.60 -7.67
N ALA C 11 -3.51 -1.90 -8.27
CA ALA C 11 -3.43 -2.99 -9.24
C ALA C 11 -2.35 -3.96 -8.84
N ILE C 12 -2.71 -5.23 -8.64
CA ILE C 12 -1.72 -6.23 -8.29
C ILE C 12 -1.48 -7.11 -9.49
N VAL C 13 -0.21 -7.39 -9.74
CA VAL C 13 0.23 -7.74 -11.07
C VAL C 13 1.52 -8.52 -10.98
N GLN C 14 1.80 -9.36 -11.98
CA GLN C 14 2.90 -10.29 -11.86
C GLN C 14 4.25 -9.67 -12.20
N ASP C 15 5.28 -9.97 -11.41
CA ASP C 15 6.58 -9.34 -11.64
C ASP C 15 6.93 -9.31 -13.13
N LYS C 16 6.60 -10.39 -13.83
CA LYS C 16 7.04 -10.51 -15.23
C LYS C 16 6.40 -9.48 -16.14
N ASP C 17 5.24 -8.95 -15.74
CA ASP C 17 4.53 -7.97 -16.55
C ASP C 17 4.74 -6.54 -16.07
N ALA C 18 5.32 -6.39 -14.89
CA ALA C 18 5.37 -5.09 -14.23
C ALA C 18 6.28 -4.08 -14.92
N ASN C 19 7.36 -4.53 -15.52
CA ASN C 19 8.21 -3.57 -16.22
C ASN C 19 7.47 -2.90 -17.35
N TYR C 20 6.94 -3.69 -18.26
CA TYR C 20 6.23 -3.16 -19.42
C TYR C 20 5.05 -2.30 -19.02
N LEU C 21 4.36 -2.71 -17.98
CA LEU C 21 3.23 -1.94 -17.51
C LEU C 21 3.69 -0.58 -17.00
N SER C 22 4.74 -0.56 -16.20
CA SER C 22 5.16 0.67 -15.56
C SER C 22 5.62 1.68 -16.59
N ASP C 23 6.27 1.19 -17.65
CA ASP C 23 6.69 2.03 -18.78
C ASP C 23 5.48 2.51 -19.55
N GLN C 24 4.52 1.62 -19.67
CA GLN C 24 3.27 1.95 -20.33
C GLN C 24 2.64 3.16 -19.66
N PHE C 25 2.63 3.16 -18.33
CA PHE C 25 1.98 4.20 -17.56
C PHE C 25 2.64 5.54 -17.79
N ILE C 26 3.96 5.53 -17.73
CA ILE C 26 4.76 6.71 -17.95
C ILE C 26 4.49 7.29 -19.35
N ASP C 27 4.59 6.44 -20.38
CA ASP C 27 4.39 6.91 -21.74
C ASP C 27 2.95 7.34 -21.93
N GLN C 28 2.12 7.05 -20.95
CA GLN C 28 0.71 7.36 -21.10
C GLN C 28 0.29 8.44 -20.14
N ASN C 29 1.28 9.04 -19.48
CA ASN C 29 1.01 10.19 -18.64
C ASN C 29 0.18 9.78 -17.41
N VAL C 30 0.40 8.55 -16.95
CA VAL C 30 -0.26 8.05 -15.75
C VAL C 30 0.76 7.95 -14.63
N ARG C 31 0.50 8.65 -13.53
CA ARG C 31 1.45 8.62 -12.42
C ARG C 31 1.15 7.47 -11.48
N ALA C 32 1.91 6.39 -11.65
CA ALA C 32 1.75 5.23 -10.78
C ALA C 32 2.89 5.18 -9.81
N THR C 33 2.64 4.70 -8.60
CA THR C 33 3.74 4.37 -7.71
C THR C 33 3.73 2.88 -7.43
N LYS C 34 4.91 2.28 -7.38
CA LYS C 34 4.99 0.83 -7.42
C LYS C 34 5.69 0.24 -6.22
N LEU C 35 5.02 -0.75 -5.61
CA LEU C 35 5.53 -1.50 -4.47
C LEU C 35 5.84 -2.89 -4.97
N SER C 36 6.80 -3.54 -4.33
CA SER C 36 7.00 -4.96 -4.61
C SER C 36 6.47 -5.74 -3.43
N THR C 37 5.61 -6.71 -3.72
CA THR C 37 4.88 -7.43 -2.69
C THR C 37 5.00 -8.93 -2.91
N THR C 38 4.26 -9.70 -2.12
CA THR C 38 4.12 -11.12 -2.39
C THR C 38 2.66 -11.49 -2.32
N GLY C 39 2.29 -12.59 -2.96
CA GLY C 39 0.94 -13.09 -2.93
C GLY C 39 0.80 -14.46 -3.57
N GLY C 40 -0.44 -14.90 -3.66
CA GLY C 40 -0.72 -16.16 -4.34
C GLY C 40 -0.48 -17.33 -3.42
N PHE C 41 -0.89 -18.51 -3.88
CA PHE C 41 -0.83 -19.72 -3.08
C PHE C 41 0.59 -19.96 -2.57
N LEU C 42 1.56 -19.65 -3.42
CA LEU C 42 2.95 -19.94 -3.15
C LEU C 42 3.64 -18.80 -2.43
N GLN C 43 2.94 -17.69 -2.30
CA GLN C 43 3.44 -16.52 -1.58
C GLN C 43 4.71 -15.96 -2.24
N SER C 44 4.57 -15.65 -3.51
CA SER C 44 5.71 -15.28 -4.31
C SER C 44 5.63 -13.84 -4.76
N GLY C 45 6.77 -13.32 -5.18
CA GLY C 45 6.87 -11.93 -5.57
C GLY C 45 5.97 -11.59 -6.71
N ASN C 46 5.24 -10.52 -6.53
CA ASN C 46 4.53 -9.88 -7.61
C ASN C 46 4.73 -8.40 -7.35
N THR C 47 3.93 -7.55 -7.98
CA THR C 47 4.05 -6.14 -7.70
C THR C 47 2.69 -5.47 -7.67
N THR C 48 2.56 -4.49 -6.78
CA THR C 48 1.34 -3.72 -6.60
C THR C 48 1.58 -2.32 -7.13
N PHE C 49 0.54 -1.74 -7.70
CA PHE C 49 0.60 -0.36 -8.14
C PHE C 49 -0.46 0.43 -7.42
N MSE C 50 -0.14 1.67 -7.07
CA MSE C 50 -1.17 2.57 -6.59
C MSE C 50 -1.18 3.79 -7.45
O MSE C 50 -0.14 4.32 -7.83
CB MSE C 50 -0.92 2.92 -5.15
CG MSE C 50 -1.11 1.73 -4.27
SE MSE C 50 -0.62 2.11 -2.45
CE MSE C 50 1.14 2.88 -2.79
N ILE C 51 -2.37 4.24 -7.79
CA ILE C 51 -2.49 5.24 -8.82
C ILE C 51 -3.60 6.23 -8.50
N GLY C 52 -3.20 7.45 -8.14
CA GLY C 52 -4.13 8.55 -7.98
C GLY C 52 -4.47 9.10 -9.35
N ILE C 53 -5.76 9.25 -9.64
CA ILE C 53 -6.18 9.53 -10.99
C ILE C 53 -7.55 10.21 -11.02
N GLU C 54 -7.77 11.09 -11.99
CA GLU C 54 -9.07 11.72 -12.13
C GLU C 54 -10.10 10.69 -12.58
N GLU C 55 -11.24 10.66 -11.89
CA GLU C 55 -12.30 9.69 -12.14
C GLU C 55 -12.53 9.44 -13.63
N GLU C 56 -12.46 10.50 -14.41
CA GLU C 56 -12.75 10.45 -15.84
C GLU C 56 -11.81 9.47 -16.56
N ARG C 57 -10.61 9.27 -16.03
CA ARG C 57 -9.60 8.47 -16.71
C ARG C 57 -9.53 7.00 -16.28
N VAL C 58 -10.21 6.65 -15.21
CA VAL C 58 -10.13 5.29 -14.71
C VAL C 58 -10.24 4.18 -15.77
N PRO C 59 -11.32 4.19 -16.57
CA PRO C 59 -11.46 3.09 -17.53
C PRO C 59 -10.28 3.04 -18.49
N GLU C 60 -9.71 4.20 -18.81
CA GLU C 60 -8.50 4.29 -19.62
C GLU C 60 -7.37 3.49 -18.98
N VAL C 61 -7.04 3.88 -17.75
CA VAL C 61 -6.08 3.15 -16.96
C VAL C 61 -6.38 1.65 -16.92
N LEU C 62 -7.63 1.29 -16.66
CA LEU C 62 -7.98 -0.11 -16.53
C LEU C 62 -7.62 -0.86 -17.79
N GLU C 63 -7.95 -0.26 -18.92
CA GLU C 63 -7.62 -0.85 -20.21
C GLU C 63 -6.11 -1.02 -20.38
N ILE C 64 -5.35 -0.01 -19.98
CA ILE C 64 -3.89 -0.08 -20.09
C ILE C 64 -3.39 -1.32 -19.38
N ILE C 65 -3.98 -1.57 -18.22
CA ILE C 65 -3.62 -2.71 -17.39
C ILE C 65 -4.05 -4.03 -18.03
N LYS C 66 -5.32 -4.13 -18.38
CA LYS C 66 -5.83 -5.35 -18.99
C LYS C 66 -4.93 -5.80 -20.14
N LYS C 67 -4.54 -4.86 -20.98
CA LYS C 67 -3.73 -5.16 -22.15
C LYS C 67 -2.33 -5.63 -21.76
N ALA C 68 -1.80 -5.04 -20.71
CA ALA C 68 -0.43 -5.25 -20.30
C ALA C 68 -0.24 -6.52 -19.49
N SER C 69 -1.29 -6.97 -18.84
CA SER C 69 -1.13 -7.98 -17.81
C SER C 69 -2.23 -9.03 -17.78
N HIS C 70 -3.11 -9.04 -18.76
CA HIS C 70 -4.19 -10.00 -18.75
C HIS C 70 -3.59 -11.38 -18.68
N THR C 71 -4.41 -12.33 -18.21
CA THR C 71 -4.05 -13.74 -18.12
C THR C 71 -3.95 -14.34 -19.51
N ARG C 72 -2.95 -15.18 -19.73
CA ARG C 72 -2.87 -15.89 -20.99
C ARG C 72 -2.00 -17.13 -20.91
N GLU C 73 -1.88 -17.81 -22.04
CA GLU C 73 -1.02 -18.95 -22.18
C GLU C 73 0.15 -18.62 -23.06
N GLU C 74 1.33 -19.13 -22.71
CA GLU C 74 2.49 -18.98 -23.55
C GLU C 74 3.19 -20.31 -23.74
N PHE C 75 4.15 -20.34 -24.64
CA PHE C 75 4.94 -21.54 -24.81
C PHE C 75 6.21 -21.49 -23.98
N MSE C 76 6.33 -22.46 -23.10
CA MSE C 76 7.43 -22.52 -22.18
C MSE C 76 8.13 -23.86 -22.35
O MSE C 76 7.49 -24.87 -22.66
CB MSE C 76 6.94 -22.39 -20.73
CG MSE C 76 7.57 -21.28 -19.93
SE MSE C 76 6.51 -19.65 -19.90
CE MSE C 76 7.86 -18.44 -19.19
N THR C 77 9.45 -23.87 -22.15
CA THR C 77 10.21 -25.11 -22.15
C THR C 77 10.86 -25.33 -20.78
N PRO C 78 10.62 -26.52 -20.19
CA PRO C 78 11.06 -26.94 -18.86
C PRO C 78 12.57 -27.16 -18.79
N SER C 79 13.23 -26.58 -17.78
CA SER C 79 14.67 -26.73 -17.62
C SER C 79 15.03 -27.74 -16.53
N TYR C 92 10.47 -30.51 -25.98
CA TYR C 92 9.02 -30.49 -26.18
C TYR C 92 8.35 -29.30 -25.47
N PRO C 93 8.38 -28.11 -26.10
CA PRO C 93 7.67 -26.94 -25.58
C PRO C 93 6.23 -27.26 -25.16
N ILE C 94 5.72 -26.46 -24.23
CA ILE C 94 4.39 -26.68 -23.65
C ILE C 94 3.68 -25.33 -23.42
N LYS C 95 2.35 -25.34 -23.51
CA LYS C 95 1.55 -24.15 -23.25
C LYS C 95 1.34 -23.97 -21.75
N VAL C 96 1.82 -22.85 -21.23
CA VAL C 96 1.67 -22.52 -19.81
C VAL C 96 0.93 -21.20 -19.60
N GLN C 97 0.10 -21.15 -18.56
CA GLN C 97 -0.67 -19.94 -18.28
C GLN C 97 0.14 -18.98 -17.43
N VAL C 98 0.01 -17.70 -17.75
CA VAL C 98 0.83 -16.65 -17.16
C VAL C 98 0.07 -15.34 -17.04
N GLY C 99 0.60 -14.44 -16.24
CA GLY C 99 0.02 -13.14 -16.08
C GLY C 99 -1.26 -13.16 -15.27
N GLY C 100 -2.15 -12.24 -15.58
CA GLY C 100 -3.34 -12.10 -14.78
C GLY C 100 -3.12 -10.97 -13.82
N ALA C 101 -4.09 -10.07 -13.76
CA ALA C 101 -4.00 -8.93 -12.87
C ALA C 101 -5.28 -8.92 -12.09
N THR C 102 -5.30 -8.16 -11.02
CA THR C 102 -6.50 -7.99 -10.23
C THR C 102 -6.38 -6.57 -9.76
N VAL C 103 -7.46 -5.82 -9.88
CA VAL C 103 -7.38 -4.41 -9.61
C VAL C 103 -8.65 -3.93 -8.98
N LEU C 104 -8.51 -2.96 -8.09
CA LEU C 104 -9.65 -2.37 -7.43
C LEU C 104 -9.46 -0.86 -7.41
N VAL C 105 -10.53 -0.16 -7.70
CA VAL C 105 -10.51 1.29 -7.67
C VAL C 105 -11.37 1.75 -6.54
N LEU C 106 -10.79 2.59 -5.68
CA LEU C 106 -11.52 3.15 -4.56
C LEU C 106 -11.73 4.65 -4.71
N PRO C 107 -12.73 5.17 -4.00
CA PRO C 107 -13.00 6.61 -3.95
C PRO C 107 -11.88 7.32 -3.22
N VAL C 108 -11.70 8.61 -3.44
CA VAL C 108 -10.89 9.39 -2.52
C VAL C 108 -11.60 10.69 -2.17
N ASP C 109 -11.55 11.05 -0.89
CA ASP C 109 -12.23 12.24 -0.39
C ASP C 109 -11.50 13.50 -0.80
N GLN C 110 -10.18 13.45 -0.77
CA GLN C 110 -9.41 14.66 -1.05
C GLN C 110 -8.01 14.34 -1.60
N PHE C 111 -7.57 15.16 -2.54
CA PHE C 111 -6.28 14.98 -3.20
C PHE C 111 -5.49 16.29 -3.25
N GLU C 112 -4.22 16.22 -2.84
CA GLU C 112 -3.34 17.37 -2.78
C GLU C 112 -1.98 17.04 -3.37
N ARG C 113 -1.41 17.98 -4.09
CA ARG C 113 0.01 17.95 -4.41
C ARG C 113 0.70 19.13 -3.73
N PHE C 114 1.86 18.86 -3.16
CA PHE C 114 2.64 19.83 -2.39
C PHE C 114 4.03 20.10 -3.00
S SO4 D . 4.53 2.04 19.82
O1 SO4 D . 3.39 2.73 19.26
O2 SO4 D . 5.73 2.37 19.07
O3 SO4 D . 4.64 2.40 21.23
O4 SO4 D . 4.33 0.61 19.67
S SO4 E . -11.05 -6.17 20.51
O1 SO4 E . -10.76 -4.74 20.38
O2 SO4 E . -9.82 -6.94 20.40
O3 SO4 E . -11.61 -6.41 21.84
O4 SO4 E . -12.00 -6.55 19.46
S SO4 F . -0.36 24.15 -1.65
O1 SO4 F . -0.19 25.60 -1.64
O2 SO4 F . 0.99 23.56 -1.62
O3 SO4 F . -1.12 23.74 -0.47
O4 SO4 F . -1.08 23.72 -2.84
S SO4 G . 8.44 13.45 -12.99
O1 SO4 G . 9.38 14.54 -12.85
O2 SO4 G . 8.31 13.11 -14.41
O3 SO4 G . 8.91 12.28 -12.24
O4 SO4 G . 7.13 13.88 -12.52
S SO4 H . -3.17 -18.95 -6.86
O1 SO4 H . -4.33 -18.08 -6.99
O2 SO4 H . -1.93 -18.18 -6.81
O3 SO4 H . -3.30 -19.73 -5.65
O4 SO4 H . -3.15 -19.88 -7.99
S SO4 I . -12.19 -9.25 -18.42
O1 SO4 I . -12.50 -7.96 -19.03
O2 SO4 I . -10.81 -9.63 -18.72
O3 SO4 I . -12.41 -9.10 -16.99
O4 SO4 I . -13.06 -10.31 -18.94
#